data_7FMC
#
_entry.id   7FMC
#
_cell.length_a   88.819
_cell.length_b   82.091
_cell.length_c   93.296
_cell.angle_alpha   90
_cell.angle_beta   108.02
_cell.angle_gamma   90
#
_symmetry.space_group_name_H-M   'C 1 2 1'
#
loop_
_entity.id
_entity.type
_entity.pdbx_description
1 polymer 'Pre-mRNA-splicing factor 8'
2 polymer 'A1 cistron-splicing factor AAR2'
3 non-polymer 1-[(2S)-2-hydroxy-3-(methylamino)propyl]pyrrolidin-2-one
4 water water
#
loop_
_entity_poly.entity_id
_entity_poly.type
_entity_poly.pdbx_seq_one_letter_code
_entity_poly.pdbx_strand_id
1 'polypeptide(L)'
;GAMNSSNYAELFNNDIKLFVDDTNVYRVTVHKTFEGNVATKAINGCIFTLNPKTGHLFLKIIHTSVWAGQKRLSQLAKWK
TAEEVSALVRSLPKEEQPKQIIVTRKAMLDPLEVHMLDFPNIAIRPTELRLPFSAAMSIDKLSDVVMKATEPQMVLFNIY
DDWLDRISSYTAFSRLTLLLRALKTNEESAKMILLSDPTITIKSYHLWPSFTDEQWITIESQMRDLILTEYGRKYNVNIS
ALTQTEIKDIILGQNIKA
;
A
2 'polypeptide(L)'
;GAMAMNTVPFTSAPIEVTIGIDQYSFNVKENQPFHGIKDIPIGHVHVIHFQHADNSSMRYGYWFDCRMGNFYIQYDPKDG
LYKMMEERDGAKFENIVHNFKERQMMVSYPKIDEDDTWYNLTEFVQMDKIRKIVRKDENQFSYVDSSMTTVQENELSSSS
SDPAHSLNYTVINFKSREAIRPGHEMEDFLDKSYYLNTVMLQGIFKNSSNYFGELQFAFLNAMFFGNYGSSLQWHAMIEL
ICSSATVPKHMLDKLDEILYYQIKTLPEQYSDILLNERVWNICLYSSFQKNSLHNTEKIMENKYPELL
;
B
#
loop_
_chem_comp.id
_chem_comp.type
_chem_comp.name
_chem_comp.formula
VU5 non-polymer 1-[(2S)-2-hydroxy-3-(methylamino)propyl]pyrrolidin-2-one 'C8 H16 N2 O2'
#
# COMPACT_ATOMS: atom_id res chain seq x y z
N GLY A 1 -15.11 -6.92 -0.44
CA GLY A 1 -14.46 -6.58 -1.71
C GLY A 1 -15.36 -5.80 -2.65
N ALA A 2 -15.19 -6.00 -3.95
CA ALA A 2 -15.86 -5.17 -4.94
C ALA A 2 -17.31 -5.59 -5.12
N MET A 3 -18.15 -4.60 -5.44
CA MET A 3 -19.57 -4.79 -5.65
C MET A 3 -19.82 -5.03 -7.13
N ASN A 4 -20.61 -6.05 -7.45
CA ASN A 4 -20.80 -6.47 -8.84
C ASN A 4 -22.18 -7.09 -9.00
N SER A 5 -22.43 -7.64 -10.20
CA SER A 5 -23.73 -8.24 -10.50
C SER A 5 -24.09 -9.36 -9.53
N SER A 6 -23.07 -10.06 -9.00
CA SER A 6 -23.34 -11.25 -8.19
C SER A 6 -23.89 -10.89 -6.82
N ASN A 7 -23.30 -9.89 -6.16
CA ASN A 7 -23.68 -9.48 -4.82
C ASN A 7 -24.55 -8.23 -4.84
N TYR A 8 -25.37 -8.12 -5.86
CA TYR A 8 -26.13 -6.90 -6.13
C TYR A 8 -27.22 -6.65 -5.09
N ALA A 9 -27.87 -7.71 -4.61
CA ALA A 9 -28.96 -7.50 -3.66
C ALA A 9 -28.49 -7.04 -2.29
N GLU A 10 -27.19 -7.06 -2.04
CA GLU A 10 -26.68 -6.55 -0.77
C GLU A 10 -27.03 -5.08 -0.60
N LEU A 11 -27.20 -4.35 -1.69
CA LEU A 11 -27.55 -2.93 -1.62
C LEU A 11 -28.84 -2.65 -0.87
N PHE A 12 -29.75 -3.61 -0.80
CA PHE A 12 -31.09 -3.40 -0.29
C PHE A 12 -31.33 -4.14 1.02
N ASN A 13 -30.27 -4.66 1.64
CA ASN A 13 -30.40 -5.20 2.98
C ASN A 13 -30.39 -4.06 3.99
N ASN A 14 -30.32 -4.40 5.27
CA ASN A 14 -30.55 -3.43 6.33
C ASN A 14 -29.26 -2.92 6.96
N ASP A 15 -28.11 -3.22 6.36
CA ASP A 15 -26.85 -2.59 6.69
C ASP A 15 -26.78 -1.23 5.98
N ILE A 16 -26.60 -0.17 6.75
CA ILE A 16 -26.56 1.16 6.12
C ILE A 16 -25.34 1.24 5.23
N LYS A 17 -25.55 1.68 3.98
CA LYS A 17 -24.43 1.91 3.09
C LYS A 17 -24.69 3.12 2.20
N LEU A 18 -23.61 3.70 1.71
CA LEU A 18 -23.69 4.87 0.82
C LEU A 18 -22.84 4.63 -0.41
N PHE A 19 -23.38 4.98 -1.57
CA PHE A 19 -22.59 5.17 -2.77
C PHE A 19 -22.02 6.57 -2.75
N VAL A 20 -20.78 6.70 -3.18
CA VAL A 20 -20.18 8.04 -3.38
C VAL A 20 -19.72 8.15 -4.83
N ASP A 21 -20.17 9.18 -5.53
CA ASP A 21 -19.75 9.41 -6.90
C ASP A 21 -19.12 10.80 -6.97
N ASP A 22 -17.88 10.88 -7.47
CA ASP A 22 -17.11 12.13 -7.54
C ASP A 22 -17.01 12.73 -8.96
N THR A 23 -17.77 12.17 -9.89
N THR A 23 -17.79 12.23 -9.93
CA THR A 23 -17.64 12.55 -11.28
CA THR A 23 -17.57 12.61 -11.34
C THR A 23 -17.80 14.05 -11.43
C THR A 23 -18.04 14.02 -11.65
N ASN A 24 -18.82 14.61 -10.77
CA ASN A 24 -19.24 15.99 -10.99
C ASN A 24 -18.67 16.96 -9.96
N VAL A 25 -17.59 16.59 -9.28
CA VAL A 25 -17.01 17.46 -8.26
C VAL A 25 -16.25 18.60 -8.90
N TYR A 26 -15.32 18.26 -9.81
CA TYR A 26 -14.49 19.25 -10.52
C TYR A 26 -14.99 19.31 -11.96
N ARG A 27 -15.64 20.43 -12.30
CA ARG A 27 -16.26 20.62 -13.61
C ARG A 27 -15.67 21.87 -14.21
N VAL A 28 -15.34 21.84 -15.51
CA VAL A 28 -14.79 22.99 -16.20
C VAL A 28 -15.41 23.16 -17.58
N THR A 29 -15.34 24.38 -18.09
CA THR A 29 -15.45 24.66 -19.52
C THR A 29 -14.06 24.98 -20.05
N VAL A 30 -13.76 24.49 -21.24
CA VAL A 30 -12.49 24.73 -21.92
C VAL A 30 -12.74 25.80 -22.99
N HIS A 31 -11.86 26.79 -23.06
CA HIS A 31 -12.06 27.91 -23.99
C HIS A 31 -10.73 28.45 -24.46
N LYS A 32 -10.77 29.26 -25.52
CA LYS A 32 -9.59 29.94 -26.03
C LYS A 32 -9.33 31.26 -25.32
N THR A 33 -8.07 31.58 -25.17
CA THR A 33 -7.64 32.88 -24.64
C THR A 33 -7.39 33.86 -25.79
N PHE A 34 -7.34 35.15 -25.42
CA PHE A 34 -7.14 36.16 -26.44
C PHE A 34 -5.89 35.88 -27.26
N GLU A 35 -4.87 35.27 -26.66
CA GLU A 35 -3.65 34.93 -27.37
C GLU A 35 -3.79 33.65 -28.17
N GLY A 36 -4.96 33.00 -28.11
CA GLY A 36 -5.17 31.76 -28.81
C GLY A 36 -4.66 30.54 -28.08
N ASN A 37 -4.42 30.64 -26.78
CA ASN A 37 -4.11 29.47 -25.99
C ASN A 37 -5.42 28.94 -25.45
N VAL A 38 -5.34 27.84 -24.71
CA VAL A 38 -6.51 27.23 -24.13
C VAL A 38 -6.45 27.41 -22.62
N ALA A 39 -7.61 27.63 -22.03
CA ALA A 39 -7.74 27.77 -20.60
C ALA A 39 -9.01 27.10 -20.14
N THR A 40 -9.08 26.79 -18.85
CA THR A 40 -10.28 26.28 -18.25
C THR A 40 -10.88 27.32 -17.31
N LYS A 41 -12.20 27.25 -17.19
CA LYS A 41 -12.96 27.98 -16.19
C LYS A 41 -13.78 26.96 -15.40
N ALA A 42 -13.51 26.85 -14.10
CA ALA A 42 -14.32 25.96 -13.27
C ALA A 42 -15.75 26.45 -13.14
N ILE A 43 -16.67 25.50 -13.02
CA ILE A 43 -18.04 25.78 -12.63
C ILE A 43 -18.37 24.93 -11.41
N ASN A 44 -19.47 25.30 -10.73
CA ASN A 44 -19.82 24.63 -9.49
C ASN A 44 -20.02 23.15 -9.74
N GLY A 45 -19.63 22.36 -8.77
CA GLY A 45 -19.82 20.92 -8.83
C GLY A 45 -20.58 20.36 -7.65
N CYS A 46 -20.57 19.02 -7.51
CA CYS A 46 -21.29 18.40 -6.41
C CYS A 46 -20.74 17.00 -6.21
N ILE A 47 -20.74 16.59 -4.96
CA ILE A 47 -20.57 15.18 -4.57
C ILE A 47 -21.93 14.54 -4.51
N PHE A 48 -22.05 13.33 -5.08
CA PHE A 48 -23.31 12.59 -5.14
C PHE A 48 -23.15 11.42 -4.18
N THR A 49 -23.76 11.54 -3.01
CA THR A 49 -23.69 10.53 -1.95
C THR A 49 -25.11 10.01 -1.69
N LEU A 50 -25.31 8.70 -1.92
CA LEU A 50 -26.67 8.18 -2.04
C LEU A 50 -26.83 6.93 -1.20
N ASN A 51 -27.86 6.89 -0.35
CA ASN A 51 -28.27 5.63 0.31
C ASN A 51 -29.20 4.90 -0.65
N PRO A 52 -28.80 3.75 -1.23
CA PRO A 52 -29.65 3.07 -2.23
C PRO A 52 -30.85 2.38 -1.63
N LYS A 53 -30.87 2.13 -0.32
CA LYS A 53 -32.06 1.54 0.29
C LYS A 53 -33.15 2.56 0.52
N THR A 54 -32.80 3.77 0.96
CA THR A 54 -33.80 4.73 1.36
C THR A 54 -34.04 5.83 0.34
N GLY A 55 -33.10 6.00 -0.60
CA GLY A 55 -33.17 7.09 -1.56
C GLY A 55 -32.61 8.38 -1.03
N HIS A 56 -32.16 8.44 0.22
CA HIS A 56 -31.64 9.70 0.73
C HIS A 56 -30.37 10.09 -0.01
N LEU A 57 -30.35 11.31 -0.54
CA LEU A 57 -29.24 11.85 -1.32
C LEU A 57 -28.66 13.02 -0.53
N PHE A 58 -27.36 12.97 -0.23
CA PHE A 58 -26.64 14.04 0.43
C PHE A 58 -25.85 14.75 -0.66
N LEU A 59 -26.37 15.87 -1.15
CA LEU A 59 -25.79 16.52 -2.31
C LEU A 59 -24.92 17.64 -1.76
N LYS A 60 -23.62 17.41 -1.73
CA LYS A 60 -22.69 18.41 -1.22
C LYS A 60 -22.22 19.25 -2.40
N ILE A 61 -22.61 20.52 -2.39
CA ILE A 61 -22.30 21.40 -3.50
C ILE A 61 -20.88 21.97 -3.33
N ILE A 62 -20.09 21.89 -4.40
CA ILE A 62 -18.69 22.28 -4.43
C ILE A 62 -18.63 23.59 -5.19
N HIS A 63 -18.40 24.68 -4.46
CA HIS A 63 -18.36 26.00 -5.04
C HIS A 63 -16.98 26.26 -5.63
N THR A 64 -16.93 27.00 -6.75
CA THR A 64 -15.69 27.14 -7.47
C THR A 64 -14.59 27.81 -6.65
N SER A 65 -14.94 28.49 -5.55
CA SER A 65 -13.94 29.17 -4.73
C SER A 65 -13.01 28.18 -4.06
N VAL A 66 -13.44 26.92 -3.88
N VAL A 66 -13.48 26.94 -3.88
CA VAL A 66 -12.58 25.93 -3.28
CA VAL A 66 -12.64 25.85 -3.36
C VAL A 66 -11.35 25.64 -4.14
C VAL A 66 -11.33 25.76 -4.13
N TRP A 67 -11.39 25.93 -5.45
CA TRP A 67 -10.26 25.65 -6.32
C TRP A 67 -9.28 26.84 -6.39
N ALA A 68 -9.66 27.96 -5.84
CA ALA A 68 -8.86 29.18 -6.02
C ALA A 68 -7.45 28.99 -5.47
N GLY A 69 -6.45 29.21 -6.33
CA GLY A 69 -5.05 29.17 -5.91
C GLY A 69 -4.51 27.78 -5.75
N GLN A 70 -5.28 26.78 -6.11
CA GLN A 70 -4.86 25.40 -5.97
C GLN A 70 -4.32 24.86 -7.29
N LYS A 71 -3.37 23.92 -7.16
CA LYS A 71 -2.77 23.18 -8.26
C LYS A 71 -3.32 21.76 -8.30
N ARG A 72 -3.15 21.12 -9.46
CA ARG A 72 -3.48 19.70 -9.68
C ARG A 72 -4.92 19.41 -9.24
N LEU A 73 -5.86 20.17 -9.82
CA LEU A 73 -7.22 20.20 -9.32
C LEU A 73 -7.91 18.83 -9.43
N SER A 74 -7.62 18.06 -10.48
CA SER A 74 -8.26 16.74 -10.58
C SER A 74 -7.84 15.83 -9.43
N GLN A 75 -6.57 15.91 -9.01
CA GLN A 75 -6.16 15.16 -7.83
C GLN A 75 -6.79 15.73 -6.57
N LEU A 76 -6.78 17.05 -6.43
CA LEU A 76 -7.34 17.66 -5.24
C LEU A 76 -8.83 17.29 -5.08
N ALA A 77 -9.55 17.23 -6.18
CA ALA A 77 -10.99 16.95 -6.16
C ALA A 77 -11.28 15.62 -5.48
N LYS A 78 -10.45 14.62 -5.71
CA LYS A 78 -10.67 13.33 -5.03
C LYS A 78 -10.49 13.45 -3.53
N TRP A 79 -9.48 14.20 -3.09
CA TRP A 79 -9.25 14.40 -1.66
C TRP A 79 -10.32 15.28 -1.02
N LYS A 80 -10.77 16.32 -1.72
CA LYS A 80 -11.86 17.15 -1.24
C LYS A 80 -13.14 16.32 -1.09
N THR A 81 -13.38 15.42 -2.05
CA THR A 81 -14.52 14.52 -1.96
C THR A 81 -14.42 13.69 -0.68
N ALA A 82 -13.25 13.07 -0.47
CA ALA A 82 -13.08 12.25 0.73
C ALA A 82 -13.18 13.08 1.99
N GLU A 83 -12.65 14.32 2.00
CA GLU A 83 -12.80 15.20 3.16
C GLU A 83 -14.29 15.43 3.48
N GLU A 84 -15.08 15.76 2.46
CA GLU A 84 -16.49 16.08 2.69
C GLU A 84 -17.32 14.86 3.10
N VAL A 85 -17.00 13.67 2.54
CA VAL A 85 -17.70 12.43 2.94
C VAL A 85 -17.38 12.10 4.39
N SER A 86 -16.11 12.18 4.78
N SER A 86 -16.10 12.15 4.76
CA SER A 86 -15.76 11.92 6.18
CA SER A 86 -15.69 11.96 6.16
C SER A 86 -16.39 12.94 7.12
C SER A 86 -16.40 12.95 7.09
N ALA A 87 -16.49 14.22 6.71
CA ALA A 87 -17.19 15.19 7.55
C ALA A 87 -18.68 14.86 7.66
N LEU A 88 -19.29 14.37 6.57
CA LEU A 88 -20.68 13.95 6.62
C LEU A 88 -20.87 12.83 7.61
N VAL A 89 -20.00 11.82 7.53
CA VAL A 89 -20.17 10.68 8.41
C VAL A 89 -20.05 11.13 9.86
N ARG A 90 -19.04 11.96 10.16
CA ARG A 90 -18.84 12.42 11.55
C ARG A 90 -20.04 13.22 12.04
N SER A 91 -20.74 13.89 11.13
CA SER A 91 -21.93 14.68 11.49
C SER A 91 -23.15 13.81 11.76
N LEU A 92 -23.13 12.54 11.35
CA LEU A 92 -24.31 11.72 11.56
C LEU A 92 -24.23 11.05 12.93
N PRO A 93 -25.37 10.89 13.60
CA PRO A 93 -25.42 10.06 14.81
C PRO A 93 -24.85 8.67 14.52
N LYS A 94 -24.26 8.08 15.54
CA LYS A 94 -23.57 6.79 15.38
C LYS A 94 -24.48 5.77 14.71
N GLU A 95 -25.76 5.69 15.13
CA GLU A 95 -26.63 4.68 14.55
C GLU A 95 -27.08 5.00 13.13
N GLU A 96 -26.76 6.17 12.58
CA GLU A 96 -26.99 6.51 11.17
C GLU A 96 -25.73 6.41 10.33
N GLN A 97 -24.56 6.22 10.93
CA GLN A 97 -23.37 6.15 10.13
C GLN A 97 -23.34 4.85 9.29
N PRO A 98 -22.76 4.92 8.10
CA PRO A 98 -22.79 3.74 7.22
C PRO A 98 -21.83 2.68 7.73
N LYS A 99 -22.16 1.43 7.41
N LYS A 99 -22.16 1.43 7.41
CA LYS A 99 -21.25 0.31 7.62
CA LYS A 99 -21.24 0.33 7.63
C LYS A 99 -20.33 0.07 6.44
C LYS A 99 -20.30 0.12 6.45
N GLN A 100 -20.73 0.50 5.24
CA GLN A 100 -19.92 0.44 4.04
C GLN A 100 -20.10 1.73 3.26
N ILE A 101 -19.02 2.19 2.63
CA ILE A 101 -19.12 3.21 1.58
C ILE A 101 -18.59 2.60 0.29
N ILE A 102 -19.40 2.63 -0.77
CA ILE A 102 -19.02 2.14 -2.09
C ILE A 102 -18.73 3.32 -3.03
N VAL A 103 -17.48 3.39 -3.51
CA VAL A 103 -17.07 4.45 -4.42
C VAL A 103 -17.25 3.99 -5.85
N THR A 104 -17.78 4.87 -6.68
CA THR A 104 -18.04 4.48 -8.05
C THR A 104 -16.78 4.48 -8.92
N ARG A 105 -15.68 5.14 -8.47
CA ARG A 105 -14.42 5.16 -9.19
C ARG A 105 -13.26 4.74 -8.29
N LYS A 106 -12.42 3.81 -8.79
CA LYS A 106 -11.40 3.22 -7.94
C LYS A 106 -10.40 4.25 -7.42
N ALA A 107 -10.22 5.35 -8.15
CA ALA A 107 -9.29 6.38 -7.69
C ALA A 107 -9.77 7.04 -6.40
N MET A 108 -11.03 6.82 -6.00
CA MET A 108 -11.45 7.34 -4.70
C MET A 108 -11.08 6.45 -3.55
N LEU A 109 -10.57 5.23 -3.78
CA LEU A 109 -10.36 4.32 -2.66
C LEU A 109 -9.35 4.85 -1.66
N ASP A 110 -8.13 5.22 -2.12
CA ASP A 110 -7.10 5.63 -1.17
C ASP A 110 -7.46 6.95 -0.50
N PRO A 111 -7.92 8.00 -1.21
CA PRO A 111 -8.32 9.21 -0.50
C PRO A 111 -9.38 8.97 0.57
N LEU A 112 -10.41 8.15 0.28
CA LEU A 112 -11.43 7.93 1.28
C LEU A 112 -10.90 7.06 2.42
N GLU A 113 -10.13 6.01 2.11
CA GLU A 113 -9.55 5.23 3.19
C GLU A 113 -8.73 6.10 4.15
N VAL A 114 -7.89 7.00 3.62
CA VAL A 114 -7.06 7.80 4.50
C VAL A 114 -7.91 8.75 5.34
N HIS A 115 -8.95 9.34 4.73
CA HIS A 115 -9.78 10.26 5.50
C HIS A 115 -10.64 9.54 6.53
N MET A 116 -10.85 8.25 6.38
CA MET A 116 -11.71 7.50 7.29
C MET A 116 -10.91 6.61 8.24
N LEU A 117 -9.61 6.92 8.48
CA LEU A 117 -8.81 6.06 9.36
C LEU A 117 -9.41 5.97 10.75
N ASP A 118 -10.02 7.06 11.21
CA ASP A 118 -10.73 7.09 12.49
C ASP A 118 -11.90 6.10 12.54
N PHE A 119 -12.34 5.58 11.39
CA PHE A 119 -13.50 4.71 11.32
C PHE A 119 -13.08 3.36 10.76
N PRO A 120 -12.26 2.60 11.51
CA PRO A 120 -11.71 1.35 10.95
C PRO A 120 -12.77 0.30 10.62
N ASN A 121 -13.94 0.38 11.24
CA ASN A 121 -15.02 -0.56 11.03
C ASN A 121 -15.96 -0.19 9.87
N ILE A 122 -15.75 0.95 9.20
CA ILE A 122 -16.50 1.26 7.98
C ILE A 122 -15.69 0.78 6.79
N ALA A 123 -16.26 -0.15 6.03
CA ALA A 123 -15.61 -0.75 4.88
C ALA A 123 -15.70 0.17 3.67
N ILE A 124 -14.57 0.41 3.02
CA ILE A 124 -14.53 1.19 1.79
C ILE A 124 -14.33 0.22 0.63
N ARG A 125 -15.28 0.22 -0.31
CA ARG A 125 -15.42 -0.80 -1.33
C ARG A 125 -15.46 -0.17 -2.71
N PRO A 126 -14.80 -0.78 -3.69
CA PRO A 126 -15.07 -0.39 -5.07
C PRO A 126 -16.24 -1.13 -5.67
N THR A 127 -16.54 -0.85 -6.93
CA THR A 127 -17.57 -1.59 -7.62
C THR A 127 -17.16 -1.83 -9.07
N GLU A 128 -17.57 -3.01 -9.58
N GLU A 128 -17.57 -2.99 -9.60
CA GLU A 128 -17.46 -3.37 -10.99
CA GLU A 128 -17.41 -3.24 -11.02
C GLU A 128 -18.64 -2.86 -11.81
C GLU A 128 -18.61 -2.78 -11.83
N LEU A 129 -19.71 -2.40 -11.16
CA LEU A 129 -20.84 -1.83 -11.86
C LEU A 129 -20.46 -0.49 -12.50
N ARG A 130 -21.03 -0.25 -13.68
CA ARG A 130 -20.82 0.99 -14.42
C ARG A 130 -22.07 1.86 -14.23
N LEU A 131 -22.13 2.49 -13.06
CA LEU A 131 -23.34 3.17 -12.67
C LEU A 131 -23.42 4.55 -13.32
N PRO A 132 -24.61 5.03 -13.57
CA PRO A 132 -24.75 6.26 -14.36
C PRO A 132 -24.92 7.52 -13.53
N PHE A 133 -24.28 7.59 -12.36
CA PHE A 133 -24.57 8.72 -11.49
C PHE A 133 -24.00 10.03 -12.01
N SER A 134 -23.07 9.99 -12.97
CA SER A 134 -22.60 11.24 -13.59
C SER A 134 -23.78 12.01 -14.19
N ALA A 135 -24.82 11.33 -14.60
CA ALA A 135 -25.96 11.99 -15.19
C ALA A 135 -26.84 12.68 -14.16
N ALA A 136 -26.43 12.75 -12.89
CA ALA A 136 -27.27 13.44 -11.91
C ALA A 136 -27.48 14.91 -12.27
N MET A 137 -26.50 15.54 -12.91
CA MET A 137 -26.72 16.93 -13.27
C MET A 137 -27.66 17.09 -14.46
N SER A 138 -28.21 16.01 -15.01
CA SER A 138 -29.31 16.11 -15.96
C SER A 138 -30.67 16.16 -15.28
N ILE A 139 -30.74 15.97 -13.96
CA ILE A 139 -31.97 16.18 -13.21
C ILE A 139 -32.06 17.67 -12.94
N ASP A 140 -33.09 18.31 -13.48
CA ASP A 140 -33.14 19.77 -13.54
C ASP A 140 -33.01 20.40 -12.16
N LYS A 141 -33.74 19.87 -11.16
CA LYS A 141 -33.71 20.50 -9.84
C LYS A 141 -32.33 20.37 -9.18
N LEU A 142 -31.60 19.27 -9.42
CA LEU A 142 -30.27 19.17 -8.86
C LEU A 142 -29.30 20.12 -9.54
N SER A 143 -29.34 20.19 -10.88
CA SER A 143 -28.50 21.12 -11.60
C SER A 143 -28.76 22.56 -11.16
N ASP A 144 -30.04 22.89 -10.93
CA ASP A 144 -30.39 24.26 -10.56
C ASP A 144 -29.77 24.65 -9.22
N VAL A 145 -29.84 23.77 -8.22
CA VAL A 145 -29.31 24.16 -6.92
C VAL A 145 -27.78 24.24 -6.96
N VAL A 146 -27.13 23.37 -7.75
CA VAL A 146 -25.68 23.43 -7.85
C VAL A 146 -25.27 24.75 -8.54
N MET A 147 -25.93 25.07 -9.65
N MET A 147 -25.93 25.09 -9.63
N MET A 147 -25.92 25.09 -9.64
CA MET A 147 -25.59 26.26 -10.43
CA MET A 147 -25.52 26.25 -10.41
CA MET A 147 -25.50 26.27 -10.40
C MET A 147 -25.79 27.53 -9.62
C MET A 147 -25.84 27.56 -9.69
C MET A 147 -25.85 27.57 -9.70
N LYS A 148 -26.85 27.58 -8.82
CA LYS A 148 -27.21 28.81 -8.10
C LYS A 148 -26.38 29.04 -6.84
N ALA A 149 -25.64 28.06 -6.37
CA ALA A 149 -24.94 28.18 -5.12
C ALA A 149 -23.88 29.26 -5.18
N THR A 150 -23.89 30.11 -4.16
CA THR A 150 -22.89 31.15 -4.00
C THR A 150 -21.85 30.80 -2.94
N GLU A 151 -21.99 29.65 -2.29
CA GLU A 151 -21.08 29.24 -1.24
C GLU A 151 -21.23 27.74 -1.06
N PRO A 152 -20.30 27.10 -0.36
CA PRO A 152 -20.44 25.67 -0.08
C PRO A 152 -21.73 25.36 0.67
N GLN A 153 -22.41 24.28 0.27
CA GLN A 153 -23.70 24.01 0.85
C GLN A 153 -23.99 22.52 0.66
N MET A 154 -24.69 21.95 1.62
CA MET A 154 -25.24 20.59 1.52
C MET A 154 -26.74 20.68 1.41
N VAL A 155 -27.32 19.98 0.44
CA VAL A 155 -28.77 19.92 0.25
C VAL A 155 -29.21 18.47 0.24
N LEU A 156 -30.28 18.17 0.98
CA LEU A 156 -30.79 16.81 1.12
C LEU A 156 -32.00 16.59 0.21
N PHE A 157 -32.01 15.45 -0.48
CA PHE A 157 -33.10 15.08 -1.37
C PHE A 157 -33.41 13.62 -1.11
N ASN A 158 -34.60 13.21 -1.53
CA ASN A 158 -34.92 11.79 -1.73
C ASN A 158 -35.03 11.56 -3.24
N ILE A 159 -34.04 10.84 -3.81
CA ILE A 159 -33.99 10.70 -5.26
C ILE A 159 -35.07 9.75 -5.80
N TYR A 160 -35.80 9.06 -4.92
CA TYR A 160 -36.90 8.17 -5.27
C TYR A 160 -38.25 8.84 -5.14
N ASP A 161 -38.30 10.12 -4.82
CA ASP A 161 -39.58 10.80 -4.55
C ASP A 161 -40.36 9.95 -3.56
N ASP A 162 -41.62 9.60 -3.84
CA ASP A 162 -42.44 8.79 -2.97
C ASP A 162 -42.56 7.35 -3.45
N TRP A 163 -41.67 6.91 -4.35
CA TRP A 163 -41.84 5.60 -4.98
C TRP A 163 -41.87 4.47 -3.97
N LEU A 164 -41.13 4.59 -2.87
CA LEU A 164 -41.08 3.49 -1.92
C LEU A 164 -42.40 3.23 -1.24
N ASP A 165 -43.37 4.14 -1.34
CA ASP A 165 -44.72 3.84 -0.87
C ASP A 165 -45.36 2.71 -1.64
N ARG A 166 -44.92 2.48 -2.88
CA ARG A 166 -45.55 1.51 -3.76
C ARG A 166 -44.62 0.42 -4.29
N ILE A 167 -43.30 0.62 -4.29
CA ILE A 167 -42.34 -0.34 -4.83
C ILE A 167 -41.19 -0.56 -3.85
N SER A 168 -40.47 -1.66 -4.07
CA SER A 168 -39.32 -1.98 -3.25
C SER A 168 -38.12 -1.12 -3.62
N SER A 169 -37.15 -1.08 -2.70
N SER A 169 -37.12 -1.09 -2.74
CA SER A 169 -35.90 -0.39 -2.98
CA SER A 169 -35.90 -0.34 -3.04
C SER A 169 -35.21 -0.97 -4.21
C SER A 169 -35.11 -0.98 -4.18
N TYR A 170 -35.15 -2.31 -4.32
CA TYR A 170 -34.56 -2.91 -5.49
C TYR A 170 -35.15 -2.34 -6.76
N THR A 171 -36.50 -2.30 -6.81
CA THR A 171 -37.18 -1.81 -8.00
C THR A 171 -36.97 -0.32 -8.18
N ALA A 172 -36.96 0.44 -7.09
CA ALA A 172 -36.70 1.90 -7.18
C ALA A 172 -35.30 2.19 -7.71
N PHE A 173 -34.29 1.46 -7.23
CA PHE A 173 -32.94 1.63 -7.74
C PHE A 173 -32.86 1.27 -9.20
N SER A 174 -33.53 0.18 -9.62
CA SER A 174 -33.55 -0.17 -11.04
C SER A 174 -34.20 0.92 -11.90
N ARG A 175 -35.26 1.55 -11.41
CA ARG A 175 -35.86 2.64 -12.17
C ARG A 175 -34.91 3.83 -12.23
N LEU A 176 -34.28 4.12 -11.10
CA LEU A 176 -33.38 5.27 -11.05
C LEU A 176 -32.22 5.08 -12.03
N THR A 177 -31.59 3.89 -12.00
CA THR A 177 -30.44 3.68 -12.87
C THR A 177 -30.87 3.64 -14.34
N LEU A 178 -32.09 3.16 -14.64
CA LEU A 178 -32.60 3.23 -16.02
C LEU A 178 -32.79 4.67 -16.49
N LEU A 179 -33.45 5.49 -15.67
CA LEU A 179 -33.62 6.89 -16.01
C LEU A 179 -32.27 7.57 -16.23
N LEU A 180 -31.33 7.31 -15.34
CA LEU A 180 -30.05 8.00 -15.44
C LEU A 180 -29.23 7.50 -16.63
N ARG A 181 -29.25 6.20 -16.87
CA ARG A 181 -28.60 5.68 -18.07
C ARG A 181 -29.17 6.31 -19.34
N ALA A 182 -30.50 6.47 -19.40
CA ALA A 182 -31.12 7.13 -20.55
C ALA A 182 -30.64 8.56 -20.68
N LEU A 183 -30.66 9.29 -19.57
CA LEU A 183 -30.25 10.68 -19.61
C LEU A 183 -28.78 10.82 -20.01
N LYS A 184 -27.96 9.82 -19.69
CA LYS A 184 -26.56 9.85 -20.04
C LYS A 184 -26.34 9.57 -21.53
N THR A 185 -27.12 8.65 -22.10
N THR A 185 -27.14 8.66 -22.09
CA THR A 185 -26.88 8.25 -23.48
CA THR A 185 -26.90 8.24 -23.47
C THR A 185 -27.46 9.25 -24.47
C THR A 185 -27.46 9.24 -24.47
N ASN A 186 -28.59 9.87 -24.14
CA ASN A 186 -29.23 10.85 -25.03
C ASN A 186 -30.12 11.73 -24.14
N GLU A 187 -29.52 12.79 -23.57
CA GLU A 187 -30.25 13.62 -22.61
C GLU A 187 -31.50 14.25 -23.22
N GLU A 188 -31.42 14.74 -24.45
CA GLU A 188 -32.57 15.45 -25.02
C GLU A 188 -33.75 14.49 -25.17
N SER A 189 -33.51 13.34 -25.79
CA SER A 189 -34.57 12.36 -25.95
C SER A 189 -35.15 11.94 -24.60
N ALA A 190 -34.28 11.54 -23.66
CA ALA A 190 -34.77 11.13 -22.35
C ALA A 190 -35.67 12.19 -21.75
N LYS A 191 -35.24 13.46 -21.80
CA LYS A 191 -36.02 14.51 -21.19
C LYS A 191 -37.33 14.74 -21.91
N MET A 192 -37.35 14.57 -23.25
CA MET A 192 -38.61 14.63 -23.98
CA MET A 192 -38.60 14.61 -23.99
C MET A 192 -39.57 13.54 -23.50
N ILE A 193 -39.09 12.31 -23.35
CA ILE A 193 -39.93 11.24 -22.85
C ILE A 193 -40.58 11.63 -21.53
N LEU A 194 -39.78 12.17 -20.62
CA LEU A 194 -40.26 12.37 -19.26
C LEU A 194 -41.31 13.47 -19.18
N LEU A 195 -41.24 14.47 -20.05
CA LEU A 195 -42.09 15.64 -19.95
C LEU A 195 -43.07 15.79 -21.10
N SER A 196 -43.06 14.87 -22.07
CA SER A 196 -43.91 15.02 -23.25
C SER A 196 -45.35 15.36 -22.86
N ASP A 197 -45.94 14.58 -21.97
CA ASP A 197 -47.34 14.71 -21.61
C ASP A 197 -47.49 15.78 -20.54
N PRO A 198 -48.02 16.98 -20.86
CA PRO A 198 -48.03 18.06 -19.86
C PRO A 198 -49.02 17.87 -18.74
N THR A 199 -49.92 16.88 -18.81
CA THR A 199 -50.84 16.67 -17.71
C THR A 199 -50.18 15.99 -16.52
N ILE A 200 -48.96 15.49 -16.68
CA ILE A 200 -48.22 14.83 -15.62
C ILE A 200 -47.14 15.81 -15.17
N THR A 201 -47.22 16.25 -13.92
CA THR A 201 -46.36 17.29 -13.42
C THR A 201 -45.39 16.74 -12.38
N ILE A 202 -44.41 17.57 -12.03
CA ILE A 202 -43.45 17.31 -10.96
C ILE A 202 -43.87 18.10 -9.75
N LYS A 203 -44.18 17.41 -8.65
CA LYS A 203 -44.58 18.11 -7.44
C LYS A 203 -43.43 18.99 -6.97
N SER A 204 -43.77 20.09 -6.29
CA SER A 204 -42.73 21.00 -5.78
C SER A 204 -41.66 20.28 -4.96
N TYR A 205 -42.04 19.25 -4.21
CA TYR A 205 -41.15 18.53 -3.30
C TYR A 205 -40.56 17.27 -3.92
N HIS A 206 -40.67 17.11 -5.24
CA HIS A 206 -40.20 15.94 -5.97
C HIS A 206 -39.22 16.33 -7.06
N LEU A 207 -38.53 15.31 -7.57
CA LEU A 207 -37.58 15.48 -8.65
C LEU A 207 -38.11 15.00 -10.00
N TRP A 208 -38.99 14.00 -10.00
CA TRP A 208 -39.49 13.35 -11.20
C TRP A 208 -41.01 13.54 -11.30
N PRO A 209 -41.59 13.29 -12.46
CA PRO A 209 -43.05 13.45 -12.62
C PRO A 209 -43.86 12.42 -11.85
N SER A 210 -45.11 12.80 -11.57
CA SER A 210 -46.03 12.02 -10.75
C SER A 210 -46.75 10.96 -11.58
N PHE A 211 -45.96 10.04 -12.11
CA PHE A 211 -46.52 8.99 -12.96
C PHE A 211 -47.33 8.00 -12.15
N THR A 212 -48.42 7.52 -12.74
CA THR A 212 -49.06 6.35 -12.21
C THR A 212 -48.23 5.11 -12.50
N ASP A 213 -48.57 4.01 -11.80
CA ASP A 213 -47.93 2.73 -12.04
C ASP A 213 -47.91 2.37 -13.53
N GLU A 214 -49.05 2.51 -14.20
CA GLU A 214 -49.11 2.15 -15.61
C GLU A 214 -48.23 3.06 -16.45
N GLN A 215 -48.24 4.35 -16.14
CA GLN A 215 -47.41 5.29 -16.88
C GLN A 215 -45.93 5.06 -16.65
N TRP A 216 -45.53 4.59 -15.46
CA TRP A 216 -44.13 4.25 -15.25
C TRP A 216 -43.71 3.07 -16.14
N ILE A 217 -44.61 2.11 -16.33
CA ILE A 217 -44.28 1.00 -17.21
C ILE A 217 -44.07 1.50 -18.63
N THR A 218 -44.96 2.36 -19.11
CA THR A 218 -44.76 2.95 -20.44
C THR A 218 -43.44 3.73 -20.49
N ILE A 219 -43.25 4.62 -19.52
CA ILE A 219 -42.02 5.40 -19.43
C ILE A 219 -40.79 4.49 -19.44
N GLU A 220 -40.78 3.49 -18.56
CA GLU A 220 -39.62 2.60 -18.47
C GLU A 220 -39.38 1.91 -19.80
N SER A 221 -40.45 1.53 -20.51
N SER A 221 -40.45 1.49 -20.48
CA SER A 221 -40.27 0.90 -21.81
CA SER A 221 -40.27 0.90 -21.81
C SER A 221 -39.72 1.89 -22.83
C SER A 221 -39.66 1.89 -22.78
N GLN A 222 -40.11 3.15 -22.74
CA GLN A 222 -39.59 4.15 -23.67
C GLN A 222 -38.10 4.40 -23.43
N MET A 223 -37.64 4.35 -22.17
CA MET A 223 -36.22 4.53 -21.88
C MET A 223 -35.39 3.36 -22.37
N ARG A 224 -35.90 2.14 -22.21
N ARG A 224 -35.90 2.14 -22.23
CA ARG A 224 -35.20 0.97 -22.72
CA ARG A 224 -35.17 0.97 -22.72
C ARG A 224 -35.02 1.05 -24.23
C ARG A 224 -35.03 1.02 -24.24
N ASP A 225 -36.10 1.36 -24.94
CA ASP A 225 -36.00 1.59 -26.38
CA ASP A 225 -36.01 1.59 -26.39
C ASP A 225 -34.91 2.61 -26.70
N LEU A 226 -34.94 3.77 -26.04
CA LEU A 226 -33.95 4.81 -26.25
C LEU A 226 -32.53 4.24 -26.13
N ILE A 227 -32.28 3.47 -25.08
CA ILE A 227 -30.93 3.00 -24.79
C ILE A 227 -30.46 1.99 -25.84
N LEU A 228 -31.33 1.04 -26.20
CA LEU A 228 -30.99 0.09 -27.26
C LEU A 228 -30.73 0.82 -28.59
N THR A 229 -31.62 1.73 -28.97
CA THR A 229 -31.45 2.55 -30.16
C THR A 229 -30.06 3.18 -30.22
N GLU A 230 -29.83 4.19 -29.38
CA GLU A 230 -28.54 4.86 -29.31
C GLU A 230 -27.41 3.87 -29.36
N TYR A 231 -27.64 2.67 -28.82
CA TYR A 231 -26.64 1.62 -28.88
C TYR A 231 -26.47 1.11 -30.31
N GLY A 232 -27.52 1.18 -31.12
CA GLY A 232 -27.41 0.96 -32.55
C GLY A 232 -26.85 2.19 -33.25
N ARG A 233 -27.56 3.33 -33.15
CA ARG A 233 -27.08 4.61 -33.69
C ARG A 233 -25.59 4.81 -33.45
N LYS A 234 -25.06 4.21 -32.38
CA LYS A 234 -23.65 4.33 -32.04
C LYS A 234 -22.80 3.28 -32.75
N TYR A 235 -23.24 2.02 -32.71
CA TYR A 235 -22.50 0.91 -33.27
C TYR A 235 -23.00 0.50 -34.65
N ASN A 236 -24.06 1.13 -35.15
CA ASN A 236 -24.68 0.71 -36.41
C ASN A 236 -25.05 -0.77 -36.33
N VAL A 237 -26.25 -1.04 -35.81
CA VAL A 237 -26.78 -2.40 -35.70
C VAL A 237 -28.30 -2.39 -35.86
N MET B 5 41.89 -11.06 13.78
CA MET B 5 41.04 -12.10 13.10
C MET B 5 40.50 -13.13 14.12
N ASN B 6 39.24 -13.55 13.96
CA ASN B 6 38.61 -14.49 14.89
C ASN B 6 38.19 -15.77 14.18
N THR B 7 37.80 -16.74 15.00
CA THR B 7 37.55 -18.12 14.59
C THR B 7 36.23 -18.60 15.17
N VAL B 8 35.48 -19.34 14.36
CA VAL B 8 34.28 -20.05 14.81
C VAL B 8 34.51 -21.53 14.55
N PRO B 9 34.93 -22.31 15.51
CA PRO B 9 35.17 -23.73 15.30
C PRO B 9 33.85 -24.50 15.24
N PHE B 10 33.93 -25.67 14.64
CA PHE B 10 32.81 -26.60 14.59
C PHE B 10 33.21 -27.86 15.34
N THR B 11 32.32 -28.38 16.19
CA THR B 11 32.64 -29.65 16.84
C THR B 11 32.85 -30.74 15.80
N SER B 12 32.00 -30.79 14.78
CA SER B 12 32.01 -31.80 13.73
C SER B 12 30.99 -31.38 12.69
N ALA B 13 30.93 -32.15 11.58
CA ALA B 13 29.92 -31.92 10.54
C ALA B 13 29.23 -33.23 10.18
N PRO B 14 28.27 -33.67 11.00
CA PRO B 14 27.67 -35.00 10.79
C PRO B 14 26.74 -35.09 9.60
N ILE B 15 26.15 -34.00 9.12
CA ILE B 15 25.26 -34.08 7.97
C ILE B 15 25.75 -33.14 6.89
N GLU B 16 25.62 -33.61 5.66
CA GLU B 16 25.97 -32.86 4.47
C GLU B 16 25.20 -31.54 4.42
N VAL B 17 25.92 -30.45 4.20
CA VAL B 17 25.34 -29.12 4.36
C VAL B 17 26.12 -28.14 3.52
N THR B 18 25.41 -27.15 2.98
CA THR B 18 26.06 -25.95 2.43
C THR B 18 26.14 -24.89 3.52
N ILE B 19 27.35 -24.43 3.79
CA ILE B 19 27.60 -23.44 4.84
C ILE B 19 27.89 -22.10 4.18
N GLY B 20 27.19 -21.08 4.62
CA GLY B 20 27.49 -19.72 4.23
C GLY B 20 28.19 -18.98 5.34
N ILE B 21 29.12 -18.10 4.98
CA ILE B 21 29.67 -17.15 5.92
C ILE B 21 29.67 -15.82 5.18
N ASP B 22 28.84 -14.90 5.64
CA ASP B 22 28.57 -13.65 4.92
C ASP B 22 28.21 -13.99 3.48
N GLN B 23 28.83 -13.38 2.48
CA GLN B 23 28.47 -13.58 1.09
C GLN B 23 29.16 -14.80 0.48
N TYR B 24 29.91 -15.58 1.25
CA TYR B 24 30.64 -16.75 0.78
C TYR B 24 29.90 -18.02 1.18
N SER B 25 30.22 -19.12 0.51
CA SER B 25 29.61 -20.42 0.83
C SER B 25 30.44 -21.57 0.31
N PHE B 26 30.31 -22.71 0.95
CA PHE B 26 31.06 -23.91 0.55
C PHE B 26 30.30 -25.12 1.01
N ASN B 27 30.56 -26.23 0.34
CA ASN B 27 29.85 -27.48 0.59
C ASN B 27 30.69 -28.35 1.52
N VAL B 28 30.02 -28.98 2.48
CA VAL B 28 30.67 -29.89 3.41
C VAL B 28 29.96 -31.23 3.29
N LYS B 29 30.72 -32.30 3.11
CA LYS B 29 30.05 -33.59 2.95
C LYS B 29 29.73 -34.22 4.31
N GLU B 30 28.79 -35.16 4.29
CA GLU B 30 28.43 -35.88 5.50
C GLU B 30 29.67 -36.50 6.15
N ASN B 31 29.93 -36.12 7.41
CA ASN B 31 31.08 -36.61 8.19
C ASN B 31 32.42 -36.22 7.58
N GLN B 32 32.45 -35.13 6.81
CA GLN B 32 33.73 -34.62 6.32
C GLN B 32 34.47 -33.96 7.49
N PRO B 33 35.82 -34.09 7.54
CA PRO B 33 36.57 -33.57 8.69
C PRO B 33 36.68 -32.05 8.75
N PHE B 34 35.55 -31.40 8.97
CA PHE B 34 35.46 -29.95 8.92
C PHE B 34 35.38 -29.40 10.33
N HIS B 35 36.24 -28.43 10.68
CA HIS B 35 36.22 -27.97 12.06
C HIS B 35 36.16 -26.45 12.18
N GLY B 36 35.76 -25.76 11.13
CA GLY B 36 35.25 -24.40 11.30
C GLY B 36 35.86 -23.42 10.33
N ILE B 37 35.71 -22.14 10.69
CA ILE B 37 36.04 -21.01 9.85
C ILE B 37 36.97 -20.08 10.63
N LYS B 38 38.14 -19.81 10.08
CA LYS B 38 39.14 -18.94 10.71
C LYS B 38 39.29 -17.66 9.89
N ASP B 39 40.10 -16.73 10.43
CA ASP B 39 40.45 -15.46 9.76
C ASP B 39 39.22 -14.58 9.53
N ILE B 40 38.26 -14.63 10.44
CA ILE B 40 37.05 -13.81 10.30
C ILE B 40 37.37 -12.38 10.72
N PRO B 41 37.13 -11.40 9.85
CA PRO B 41 37.49 -10.02 10.18
C PRO B 41 36.75 -9.47 11.38
N ILE B 42 37.50 -8.90 12.27
CA ILE B 42 36.97 -8.18 13.40
C ILE B 42 36.55 -6.78 12.96
N GLY B 43 35.44 -6.33 13.50
CA GLY B 43 34.95 -5.00 13.26
C GLY B 43 33.59 -4.96 12.64
N HIS B 44 33.07 -6.13 12.23
CA HIS B 44 31.83 -6.21 11.51
C HIS B 44 30.95 -7.23 12.20
N VAL B 45 29.65 -7.14 11.98
N VAL B 45 29.65 -7.09 12.06
CA VAL B 45 28.75 -8.24 12.29
CA VAL B 45 28.83 -8.28 12.32
C VAL B 45 28.78 -9.24 11.14
C VAL B 45 29.08 -9.29 11.22
N HIS B 46 28.66 -10.53 11.47
CA HIS B 46 28.82 -11.61 10.53
C HIS B 46 27.59 -12.50 10.64
N VAL B 47 27.37 -13.31 9.63
CA VAL B 47 26.28 -14.31 9.65
C VAL B 47 26.82 -15.62 9.13
N ILE B 48 26.55 -16.71 9.86
N ILE B 48 26.61 -16.68 9.89
CA ILE B 48 26.96 -18.03 9.42
CA ILE B 48 26.95 -18.02 9.45
C ILE B 48 25.66 -18.83 9.25
C ILE B 48 25.59 -18.70 9.19
N HIS B 49 25.50 -19.40 8.06
CA HIS B 49 24.19 -19.90 7.66
C HIS B 49 24.29 -21.24 6.97
N PHE B 50 23.14 -21.94 6.89
CA PHE B 50 23.15 -23.35 6.62
C PHE B 50 22.01 -23.71 5.72
N GLN B 51 22.28 -24.61 4.78
CA GLN B 51 21.21 -25.26 4.02
C GLN B 51 21.55 -26.73 3.90
N HIS B 52 20.72 -27.57 4.48
CA HIS B 52 21.05 -28.99 4.46
C HIS B 52 20.90 -29.57 3.06
N ALA B 53 21.73 -30.57 2.75
CA ALA B 53 21.72 -31.17 1.43
C ALA B 53 20.40 -31.90 1.16
N ASP B 54 19.77 -32.42 2.20
CA ASP B 54 18.57 -33.23 1.97
C ASP B 54 17.32 -32.36 1.92
N ASN B 55 17.24 -31.34 2.76
CA ASN B 55 16.07 -30.46 2.84
C ASN B 55 16.55 -29.05 2.58
N SER B 56 16.53 -28.63 1.32
CA SER B 56 16.78 -27.23 0.99
C SER B 56 15.70 -26.33 1.58
N SER B 57 14.64 -26.89 2.16
CA SER B 57 13.70 -26.09 2.93
C SER B 57 14.36 -25.64 4.24
N MET B 58 13.97 -24.45 4.69
N MET B 58 13.99 -24.42 4.63
CA MET B 58 14.61 -23.83 5.83
CA MET B 58 14.56 -23.77 5.81
C MET B 58 16.10 -23.61 5.56
C MET B 58 16.06 -23.56 5.64
N ARG B 59 16.43 -22.44 5.04
CA ARG B 59 17.75 -21.88 5.28
C ARG B 59 17.69 -21.28 6.68
N TYR B 60 18.78 -21.38 7.44
CA TYR B 60 18.77 -20.81 8.80
C TYR B 60 20.20 -20.40 9.14
N GLY B 61 20.34 -19.57 10.17
CA GLY B 61 21.68 -19.08 10.50
C GLY B 61 21.72 -18.19 11.73
N TYR B 62 22.92 -17.64 11.99
CA TYR B 62 23.22 -16.96 13.23
C TYR B 62 24.00 -15.68 12.92
N TRP B 63 23.46 -14.55 13.36
CA TRP B 63 24.19 -13.28 13.39
C TRP B 63 25.02 -13.20 14.65
N PHE B 64 26.29 -12.77 14.53
CA PHE B 64 27.18 -12.70 15.66
C PHE B 64 28.28 -11.69 15.39
N ASP B 65 29.00 -11.35 16.48
CA ASP B 65 30.11 -10.39 16.48
C ASP B 65 31.11 -10.97 17.46
N CYS B 66 32.26 -11.44 16.93
CA CYS B 66 33.27 -12.16 17.73
C CYS B 66 33.86 -11.30 18.84
N ARG B 67 33.67 -9.99 18.80
CA ARG B 67 34.09 -9.16 19.92
C ARG B 67 33.27 -9.42 21.16
N MET B 68 32.10 -10.04 21.03
N MET B 68 32.09 -10.03 21.02
CA MET B 68 31.16 -10.21 22.14
CA MET B 68 31.15 -10.20 22.13
C MET B 68 31.28 -11.56 22.82
C MET B 68 31.25 -11.56 22.81
N GLY B 69 32.12 -12.44 22.34
CA GLY B 69 32.27 -13.74 22.96
C GLY B 69 32.95 -14.70 22.02
N ASN B 70 33.23 -15.90 22.54
CA ASN B 70 33.80 -16.99 21.77
C ASN B 70 32.68 -17.95 21.38
N PHE B 71 32.42 -18.05 20.09
CA PHE B 71 31.26 -18.80 19.62
C PHE B 71 31.74 -20.00 18.80
N TYR B 72 30.97 -21.10 18.87
CA TYR B 72 31.26 -22.28 18.08
C TYR B 72 29.95 -22.89 17.60
N ILE B 73 30.07 -23.83 16.66
CA ILE B 73 28.92 -24.55 16.09
C ILE B 73 28.97 -26.02 16.46
N GLN B 74 27.81 -26.58 16.78
CA GLN B 74 27.74 -27.98 17.12
C GLN B 74 26.41 -28.49 16.61
N TYR B 75 26.44 -29.60 15.88
CA TYR B 75 25.22 -30.21 15.40
C TYR B 75 24.47 -30.86 16.56
N ASP B 76 23.14 -30.65 16.59
CA ASP B 76 22.25 -31.31 17.55
C ASP B 76 21.43 -32.38 16.83
N PRO B 77 21.65 -33.68 17.10
CA PRO B 77 20.88 -34.71 16.37
C PRO B 77 19.44 -34.84 16.81
N LYS B 78 19.04 -34.17 17.89
CA LYS B 78 17.65 -34.27 18.31
C LYS B 78 16.83 -33.21 17.60
N ASP B 79 17.30 -31.96 17.64
CA ASP B 79 16.63 -30.88 16.95
C ASP B 79 17.01 -30.79 15.48
N GLY B 80 18.01 -31.55 15.04
CA GLY B 80 18.36 -31.69 13.65
C GLY B 80 18.94 -30.43 13.03
N LEU B 81 19.73 -29.68 13.78
CA LEU B 81 20.36 -28.55 13.14
C LEU B 81 21.68 -28.18 13.79
N TYR B 82 22.45 -27.43 13.02
CA TYR B 82 23.70 -26.86 13.50
C TYR B 82 23.37 -25.68 14.40
N LYS B 83 23.81 -25.72 15.65
CA LYS B 83 23.51 -24.67 16.62
C LYS B 83 24.75 -23.88 16.97
N MET B 84 24.58 -22.58 17.10
CA MET B 84 25.65 -21.75 17.64
C MET B 84 25.57 -21.80 19.16
N MET B 85 26.73 -21.83 19.79
CA MET B 85 26.88 -21.83 21.24
C MET B 85 28.03 -20.91 21.63
N GLU B 86 27.99 -20.42 22.88
CA GLU B 86 29.08 -19.65 23.46
C GLU B 86 29.88 -20.53 24.41
N GLU B 87 31.21 -20.48 24.30
CA GLU B 87 32.15 -21.11 25.22
C GLU B 87 32.64 -20.04 26.20
N ARG B 88 32.34 -20.23 27.47
CA ARG B 88 32.78 -19.27 28.47
C ARG B 88 34.20 -19.53 28.97
N ASP B 89 34.66 -20.78 28.87
CA ASP B 89 36.02 -21.16 29.27
C ASP B 89 37.00 -20.72 28.17
N GLY B 90 37.52 -19.50 28.30
CA GLY B 90 38.37 -18.96 27.26
C GLY B 90 39.62 -19.78 27.00
N ALA B 91 40.11 -20.49 28.01
CA ALA B 91 41.31 -21.31 27.83
C ALA B 91 40.98 -22.59 27.07
N LYS B 92 39.82 -23.18 27.37
CA LYS B 92 39.35 -24.32 26.59
C LYS B 92 39.13 -23.95 25.13
N PHE B 93 38.70 -22.72 24.86
CA PHE B 93 38.42 -22.29 23.49
C PHE B 93 39.71 -22.08 22.71
N GLU B 94 40.65 -21.32 23.27
CA GLU B 94 41.91 -21.09 22.58
C GLU B 94 42.61 -22.41 22.28
N ASN B 95 42.56 -23.33 23.23
CA ASN B 95 43.17 -24.64 23.03
C ASN B 95 42.49 -25.41 21.91
N ILE B 96 41.16 -25.39 21.86
CA ILE B 96 40.43 -26.04 20.78
C ILE B 96 40.83 -25.44 19.44
N VAL B 97 40.76 -24.11 19.33
CA VAL B 97 41.03 -23.45 18.05
C VAL B 97 42.45 -23.73 17.57
N HIS B 98 43.43 -23.56 18.46
CA HIS B 98 44.81 -23.78 18.05
C HIS B 98 45.04 -25.21 17.54
N ASN B 99 44.41 -26.21 18.18
CA ASN B 99 44.56 -27.59 17.71
C ASN B 99 43.97 -27.76 16.32
N PHE B 100 42.80 -27.16 16.06
CA PHE B 100 42.17 -27.33 14.76
C PHE B 100 42.94 -26.60 13.66
N LYS B 101 43.52 -25.45 13.99
CA LYS B 101 44.35 -24.74 13.02
C LYS B 101 45.62 -25.55 12.71
N GLU B 102 46.27 -26.08 13.75
CA GLU B 102 47.48 -26.85 13.54
C GLU B 102 47.20 -28.05 12.63
N ARG B 103 46.04 -28.68 12.80
CA ARG B 103 45.65 -29.77 11.92
C ARG B 103 45.01 -29.28 10.61
N GLN B 104 44.96 -27.96 10.38
CA GLN B 104 44.46 -27.35 9.13
C GLN B 104 43.08 -27.87 8.75
N MET B 105 42.20 -27.95 9.75
CA MET B 105 40.86 -28.45 9.52
C MET B 105 39.84 -27.33 9.35
N MET B 106 40.29 -26.10 9.08
CA MET B 106 39.40 -24.96 8.98
C MET B 106 39.52 -24.28 7.62
N VAL B 107 38.40 -23.76 7.14
CA VAL B 107 38.37 -22.91 5.97
C VAL B 107 38.71 -21.50 6.41
N SER B 108 39.39 -20.76 5.54
CA SER B 108 39.72 -19.39 5.81
C SER B 108 38.67 -18.46 5.21
N TYR B 109 38.22 -17.49 6.00
CA TYR B 109 37.32 -16.47 5.47
C TYR B 109 37.96 -15.86 4.24
N PRO B 110 37.37 -16.02 3.04
CA PRO B 110 38.13 -15.77 1.81
C PRO B 110 37.98 -14.35 1.27
N LYS B 111 38.37 -13.37 2.08
CA LYS B 111 38.21 -11.98 1.69
C LYS B 111 39.36 -11.52 0.81
N ILE B 112 39.01 -10.96 -0.36
CA ILE B 112 39.96 -10.28 -1.22
C ILE B 112 40.32 -8.92 -0.62
N ASP B 113 41.61 -8.56 -0.69
CA ASP B 113 42.05 -7.35 -0.01
C ASP B 113 41.32 -6.11 -0.53
N GLU B 114 41.15 -6.00 -1.84
CA GLU B 114 40.48 -4.85 -2.45
C GLU B 114 39.01 -4.71 -2.04
N ASP B 115 38.42 -5.75 -1.46
CA ASP B 115 36.97 -5.96 -1.51
C ASP B 115 36.29 -5.41 -0.27
N ASP B 116 35.46 -4.36 -0.45
CA ASP B 116 34.73 -3.74 0.64
C ASP B 116 33.27 -4.18 0.68
N THR B 117 32.91 -5.26 -0.05
CA THR B 117 31.51 -5.63 -0.14
C THR B 117 30.86 -5.78 1.23
N TRP B 118 31.46 -6.58 2.13
CA TRP B 118 30.74 -6.88 3.37
C TRP B 118 30.60 -5.61 4.23
N TYR B 119 31.67 -4.82 4.33
CA TYR B 119 31.53 -3.55 5.00
C TYR B 119 30.39 -2.70 4.41
N ASN B 120 30.30 -2.64 3.08
CA ASN B 120 29.31 -1.79 2.44
C ASN B 120 27.90 -2.32 2.71
N LEU B 121 27.76 -3.61 2.88
CA LEU B 121 26.44 -4.18 3.15
C LEU B 121 26.02 -4.10 4.62
N THR B 122 26.98 -3.95 5.54
CA THR B 122 26.73 -3.97 6.98
C THR B 122 27.16 -2.67 7.66
N GLU B 123 27.39 -1.59 6.90
CA GLU B 123 27.98 -0.36 7.45
C GLU B 123 27.29 0.09 8.74
N PHE B 124 25.95 0.09 8.75
CA PHE B 124 25.17 0.62 9.86
C PHE B 124 24.54 -0.46 10.73
N VAL B 125 24.84 -1.72 10.46
CA VAL B 125 24.27 -2.85 11.19
C VAL B 125 25.07 -3.08 12.46
N GLN B 126 24.40 -3.09 13.59
N GLN B 126 24.39 -3.04 13.59
CA GLN B 126 25.01 -3.23 14.89
CA GLN B 126 24.95 -3.22 14.92
C GLN B 126 24.37 -4.39 15.64
C GLN B 126 24.36 -4.45 15.57
N MET B 127 25.21 -5.22 16.25
CA MET B 127 24.71 -6.39 16.94
C MET B 127 23.68 -6.02 18.01
N ASP B 128 23.88 -4.90 18.70
CA ASP B 128 22.94 -4.49 19.78
C ASP B 128 21.53 -4.34 19.20
N LYS B 129 21.38 -3.77 18.01
CA LYS B 129 20.06 -3.54 17.37
C LYS B 129 19.50 -4.87 16.87
N ILE B 130 20.34 -5.74 16.36
CA ILE B 130 19.91 -7.06 15.82
C ILE B 130 19.27 -7.89 16.96
N ARG B 131 19.83 -7.84 18.16
CA ARG B 131 19.33 -8.63 19.33
C ARG B 131 18.00 -8.09 19.85
N LYS B 132 17.69 -6.83 19.57
CA LYS B 132 16.41 -6.20 19.96
C LYS B 132 15.36 -6.63 18.93
N ILE B 133 15.76 -6.83 17.70
CA ILE B 133 14.84 -7.25 16.61
C ILE B 133 14.54 -8.75 16.81
N VAL B 134 15.57 -9.55 17.08
CA VAL B 134 15.43 -11.02 17.30
C VAL B 134 15.58 -11.28 18.80
N ARG B 135 14.53 -11.61 19.53
CA ARG B 135 14.63 -11.74 21.02
C ARG B 135 14.93 -13.17 21.48
N LYS B 136 16.07 -13.37 22.15
CA LYS B 136 16.52 -14.59 22.88
C LYS B 136 17.63 -13.99 23.74
N ASP B 137 17.28 -13.20 24.77
CA ASP B 137 18.24 -12.37 25.49
C ASP B 137 19.35 -13.18 26.14
N GLU B 138 19.16 -14.49 26.32
CA GLU B 138 20.17 -15.30 26.96
C GLU B 138 21.36 -15.61 26.05
N ASN B 139 21.24 -15.42 24.74
CA ASN B 139 22.36 -15.57 23.82
C ASN B 139 22.85 -14.22 23.31
N GLN B 140 24.16 -14.16 23.02
CA GLN B 140 24.78 -12.98 22.44
C GLN B 140 24.71 -12.95 20.92
N PHE B 141 24.23 -14.02 20.31
CA PHE B 141 24.08 -14.19 18.88
C PHE B 141 22.59 -14.39 18.60
N SER B 142 22.19 -14.20 17.34
CA SER B 142 20.78 -14.24 16.97
C SER B 142 20.47 -15.20 15.83
N TYR B 143 19.49 -16.09 16.07
CA TYR B 143 19.03 -17.03 15.06
C TYR B 143 17.94 -16.42 14.18
N VAL B 144 18.07 -16.65 12.87
CA VAL B 144 17.05 -16.29 11.88
C VAL B 144 16.90 -17.44 10.90
N ASP B 145 15.66 -17.65 10.40
CA ASP B 145 15.46 -18.63 9.33
C ASP B 145 14.40 -18.14 8.33
N SER B 146 14.21 -18.96 7.29
CA SER B 146 13.38 -18.57 6.16
C SER B 146 11.93 -18.32 6.57
N SER B 147 11.44 -18.97 7.63
CA SER B 147 9.99 -19.00 7.92
C SER B 147 9.56 -17.98 8.96
N MET B 148 10.48 -17.40 9.72
CA MET B 148 10.12 -16.49 10.80
C MET B 148 9.33 -15.31 10.26
N THR B 149 8.23 -14.99 10.93
CA THR B 149 7.38 -13.89 10.50
C THR B 149 7.68 -12.63 11.30
N THR B 150 7.32 -11.49 10.71
CA THR B 150 7.52 -10.21 11.34
C THR B 150 6.30 -9.85 12.19
N VAL B 151 6.54 -8.94 13.15
CA VAL B 151 5.44 -8.38 13.94
C VAL B 151 4.30 -7.91 13.04
N GLN B 152 4.63 -7.22 11.94
CA GLN B 152 3.56 -6.69 11.08
C GLN B 152 2.79 -7.81 10.39
N GLU B 153 3.50 -8.84 9.93
CA GLU B 153 2.81 -10.00 9.35
C GLU B 153 1.88 -10.65 10.36
N ASN B 154 2.30 -10.71 11.64
CA ASN B 154 1.49 -11.35 12.68
C ASN B 154 0.20 -10.57 12.95
N GLU B 155 0.22 -9.24 12.79
CA GLU B 155 -0.98 -8.43 12.99
C GLU B 155 -2.02 -8.68 11.92
N LEU B 156 -1.62 -9.16 10.75
CA LEU B 156 -2.52 -9.30 9.61
C LEU B 156 -2.78 -10.77 9.30
N SER B 161 2.46 -17.10 14.23
CA SER B 161 1.68 -16.41 15.25
C SER B 161 2.41 -16.40 16.59
N ASP B 162 3.58 -17.04 16.66
CA ASP B 162 4.32 -17.15 17.90
C ASP B 162 5.17 -15.89 18.12
N PRO B 163 4.91 -15.10 19.17
CA PRO B 163 5.65 -13.83 19.30
C PRO B 163 7.12 -14.00 19.67
N ALA B 164 7.49 -15.10 20.33
CA ALA B 164 8.89 -15.30 20.73
C ALA B 164 9.81 -15.49 19.54
N HIS B 165 9.26 -15.97 18.42
CA HIS B 165 10.01 -16.30 17.23
C HIS B 165 9.82 -15.27 16.13
N SER B 166 9.46 -14.04 16.47
CA SER B 166 9.13 -13.02 15.50
C SER B 166 10.34 -12.14 15.21
N LEU B 167 10.28 -11.39 14.10
CA LEU B 167 11.25 -10.32 13.79
C LEU B 167 10.59 -9.03 14.27
N ASN B 168 11.14 -8.37 15.30
N ASN B 168 11.14 -8.38 15.31
CA ASN B 168 10.53 -7.13 15.84
CA ASN B 168 10.53 -7.13 15.84
C ASN B 168 11.01 -5.91 15.03
C ASN B 168 11.01 -5.92 15.03
N TYR B 169 10.53 -5.87 13.69
CA TYR B 169 11.06 -4.59 13.02
C TYR B 169 10.06 -3.48 13.29
N THR B 170 10.42 -2.21 13.10
CA THR B 170 9.46 -1.11 13.29
C THR B 170 8.35 -1.28 12.26
N VAL B 171 7.08 -1.20 12.65
CA VAL B 171 5.99 -1.45 11.66
C VAL B 171 5.73 -0.16 10.85
N ILE B 172 5.89 -0.19 9.53
CA ILE B 172 5.68 0.92 8.62
C ILE B 172 4.39 0.66 7.84
N ASN B 173 3.46 1.62 7.88
CA ASN B 173 2.17 1.44 7.24
C ASN B 173 1.70 2.82 6.77
N PHE B 174 1.65 3.01 5.45
CA PHE B 174 1.40 4.33 4.87
C PHE B 174 -0.03 4.78 5.08
N LYS B 175 -0.92 3.85 5.37
CA LYS B 175 -2.35 4.19 5.60
C LYS B 175 -2.68 3.83 7.03
N SER B 176 -2.08 4.60 7.94
CA SER B 176 -2.20 4.41 9.38
C SER B 176 -2.28 5.79 10.00
N ARG B 177 -2.92 5.87 11.17
CA ARG B 177 -2.96 7.14 11.86
C ARG B 177 -1.57 7.64 12.18
N GLU B 178 -0.62 6.75 12.48
CA GLU B 178 0.75 7.20 12.76
C GLU B 178 1.34 7.94 11.58
N ALA B 179 0.97 7.55 10.36
CA ALA B 179 1.56 8.13 9.16
C ALA B 179 0.86 9.40 8.70
N ILE B 180 -0.36 9.66 9.18
CA ILE B 180 -1.23 10.68 8.60
C ILE B 180 -1.70 11.59 9.71
N ARG B 181 -1.31 12.87 9.65
CA ARG B 181 -1.76 13.87 10.60
C ARG B 181 -3.20 14.26 10.29
N PRO B 182 -4.10 14.27 11.27
CA PRO B 182 -5.46 14.77 11.02
C PRO B 182 -5.40 16.16 10.42
N GLY B 183 -6.17 16.36 9.35
CA GLY B 183 -6.14 17.63 8.65
C GLY B 183 -5.02 17.80 7.66
N HIS B 184 -4.07 16.87 7.61
CA HIS B 184 -3.03 16.87 6.58
C HIS B 184 -3.11 15.60 5.73
N GLU B 185 -4.30 15.02 5.61
CA GLU B 185 -4.44 13.70 4.99
C GLU B 185 -3.80 13.67 3.61
N MET B 186 -4.22 14.56 2.72
CA MET B 186 -3.68 14.52 1.37
C MET B 186 -2.20 14.85 1.39
N GLU B 187 -1.84 15.84 2.19
CA GLU B 187 -0.45 16.27 2.21
C GLU B 187 0.46 15.14 2.66
N ASP B 188 0.08 14.47 3.74
CA ASP B 188 0.95 13.45 4.34
C ASP B 188 0.95 12.16 3.55
N PHE B 189 -0.12 11.87 2.79
CA PHE B 189 -0.15 10.64 2.02
C PHE B 189 0.68 10.78 0.75
N LEU B 190 0.67 11.96 0.15
CA LEU B 190 1.39 12.16 -1.10
C LEU B 190 2.84 12.57 -0.88
N ASP B 191 3.18 13.10 0.29
CA ASP B 191 4.55 13.47 0.66
C ASP B 191 4.78 12.96 2.08
N LYS B 192 5.56 11.88 2.21
CA LYS B 192 5.70 11.20 3.48
C LYS B 192 6.79 11.79 4.39
N SER B 193 7.27 13.01 4.10
CA SER B 193 8.37 13.60 4.86
C SER B 193 8.09 13.68 6.37
N TYR B 194 6.86 14.01 6.76
N TYR B 194 6.86 14.06 6.73
N TYR B 194 6.87 14.03 6.75
CA TYR B 194 6.62 14.11 8.20
CA TYR B 194 6.48 14.08 8.14
CA TYR B 194 6.55 14.09 8.17
C TYR B 194 6.67 12.73 8.86
C TYR B 194 6.75 12.72 8.78
C TYR B 194 6.72 12.72 8.81
N TYR B 195 6.20 11.69 8.17
CA TYR B 195 6.29 10.33 8.71
C TYR B 195 7.74 9.87 8.80
N LEU B 196 8.53 10.15 7.76
CA LEU B 196 9.96 9.78 7.77
C LEU B 196 10.71 10.55 8.83
N ASN B 197 10.62 11.89 8.79
CA ASN B 197 11.55 12.71 9.55
C ASN B 197 11.11 12.87 11.00
N THR B 198 9.82 13.07 11.26
CA THR B 198 9.35 13.29 12.62
C THR B 198 8.99 11.99 13.33
N VAL B 199 8.16 11.15 12.72
CA VAL B 199 7.68 9.90 13.38
C VAL B 199 8.78 8.84 13.42
N MET B 200 9.24 8.40 12.27
CA MET B 200 10.22 7.30 12.15
C MET B 200 11.63 7.71 12.57
N LEU B 201 12.17 8.83 12.08
CA LEU B 201 13.57 9.19 12.40
C LEU B 201 13.79 9.80 13.79
N GLN B 202 12.97 10.77 14.19
N GLN B 202 12.97 10.78 14.19
CA GLN B 202 13.15 11.42 15.52
CA GLN B 202 13.14 11.43 15.53
C GLN B 202 12.47 10.66 16.67
C GLN B 202 12.47 10.66 16.67
N GLY B 203 11.13 10.21 16.45
CA GLY B 203 10.68 9.53 17.76
C GLY B 203 10.88 8.03 17.85
N ILE B 204 11.16 7.32 16.75
CA ILE B 204 11.28 5.84 16.82
C ILE B 204 12.74 5.37 16.70
N PHE B 205 13.32 5.51 15.52
CA PHE B 205 14.68 5.02 15.18
C PHE B 205 15.76 5.79 15.96
N LYS B 206 15.59 7.12 16.11
CA LYS B 206 16.41 8.16 16.85
C LYS B 206 17.42 8.86 15.93
N ASN B 207 17.97 8.22 14.87
CA ASN B 207 18.97 8.79 13.92
C ASN B 207 18.93 7.99 12.62
N SER B 208 19.53 8.49 11.50
CA SER B 208 19.48 7.80 10.23
C SER B 208 20.35 6.55 10.24
N SER B 209 21.34 6.42 11.15
CA SER B 209 22.21 5.21 11.28
C SER B 209 21.41 3.98 11.75
N ASN B 210 20.48 4.14 12.71
CA ASN B 210 19.63 3.02 13.21
C ASN B 210 18.68 2.58 12.09
N TYR B 211 18.14 3.57 11.38
CA TYR B 211 17.25 3.44 10.21
C TYR B 211 17.95 2.62 9.12
N PHE B 212 19.11 3.08 8.67
CA PHE B 212 19.85 2.34 7.66
C PHE B 212 20.28 0.98 8.14
N GLY B 213 20.61 0.81 9.41
CA GLY B 213 21.06 -0.49 9.93
C GLY B 213 19.96 -1.53 9.83
N GLU B 214 18.73 -1.12 10.18
CA GLU B 214 17.52 -1.98 10.14
C GLU B 214 17.16 -2.30 8.68
N LEU B 215 17.40 -1.33 7.79
CA LEU B 215 17.13 -1.48 6.35
C LEU B 215 18.16 -2.46 5.77
N GLN B 216 19.42 -2.37 6.18
CA GLN B 216 20.45 -3.30 5.73
C GLN B 216 20.25 -4.70 6.28
N PHE B 217 19.85 -4.82 7.55
CA PHE B 217 19.61 -6.12 8.15
C PHE B 217 18.43 -6.82 7.49
N ALA B 218 17.38 -6.05 7.19
CA ALA B 218 16.22 -6.63 6.49
C ALA B 218 16.63 -7.16 5.12
N PHE B 219 17.38 -6.39 4.34
CA PHE B 219 17.84 -6.92 3.06
C PHE B 219 18.64 -8.21 3.24
N LEU B 220 19.59 -8.23 4.19
CA LEU B 220 20.44 -9.41 4.32
C LEU B 220 19.62 -10.65 4.70
N ASN B 221 18.60 -10.48 5.56
CA ASN B 221 17.75 -11.64 5.91
CA ASN B 221 17.74 -11.63 5.91
C ASN B 221 16.93 -12.09 4.72
N ALA B 222 16.48 -11.14 3.87
CA ALA B 222 15.79 -11.53 2.65
C ALA B 222 16.70 -12.30 1.72
N MET B 223 17.93 -11.81 1.53
CA MET B 223 18.81 -12.44 0.58
C MET B 223 19.30 -13.79 1.06
N PHE B 224 19.73 -13.87 2.31
CA PHE B 224 20.36 -15.11 2.77
C PHE B 224 19.35 -16.17 3.16
N PHE B 225 18.15 -15.78 3.63
CA PHE B 225 17.22 -16.81 4.09
C PHE B 225 15.94 -16.82 3.28
N GLY B 226 15.81 -15.95 2.29
CA GLY B 226 14.54 -15.85 1.57
C GLY B 226 13.40 -15.51 2.49
N ASN B 227 13.67 -14.71 3.51
CA ASN B 227 12.67 -14.36 4.50
C ASN B 227 11.76 -13.29 3.91
N TYR B 228 10.49 -13.65 3.68
CA TYR B 228 9.63 -12.80 2.89
C TYR B 228 9.28 -11.52 3.65
N GLY B 229 9.04 -11.61 4.95
CA GLY B 229 8.70 -10.42 5.68
C GLY B 229 9.85 -9.44 5.78
N SER B 230 11.07 -9.96 5.77
CA SER B 230 12.23 -9.08 5.71
C SER B 230 12.30 -8.34 4.38
N SER B 231 11.98 -9.01 3.29
CA SER B 231 11.94 -8.33 2.01
C SER B 231 10.89 -7.23 2.04
N LEU B 232 9.70 -7.51 2.59
CA LEU B 232 8.69 -6.46 2.71
C LEU B 232 9.21 -5.27 3.50
N GLN B 233 9.94 -5.52 4.59
CA GLN B 233 10.47 -4.43 5.41
C GLN B 233 11.50 -3.61 4.64
N TRP B 234 12.42 -4.27 3.94
CA TRP B 234 13.44 -3.57 3.14
C TRP B 234 12.78 -2.65 2.13
N HIS B 235 11.78 -3.17 1.39
CA HIS B 235 11.14 -2.30 0.41
C HIS B 235 10.36 -1.17 1.06
N ALA B 236 9.71 -1.43 2.21
CA ALA B 236 8.94 -0.37 2.85
C ALA B 236 9.86 0.77 3.28
N MET B 237 11.06 0.41 3.72
CA MET B 237 11.97 1.43 4.22
C MET B 237 12.59 2.26 3.09
N ILE B 238 12.82 1.64 1.94
CA ILE B 238 13.21 2.37 0.75
C ILE B 238 12.08 3.30 0.33
N GLU B 239 10.88 2.76 0.22
CA GLU B 239 9.80 3.56 -0.34
C GLU B 239 9.45 4.75 0.56
N LEU B 240 9.55 4.59 1.88
CA LEU B 240 9.29 5.72 2.76
C LEU B 240 10.26 6.87 2.49
N ILE B 241 11.54 6.56 2.21
CA ILE B 241 12.45 7.66 1.87
C ILE B 241 12.15 8.23 0.48
N CYS B 242 11.95 7.38 -0.51
CA CYS B 242 11.78 7.86 -1.87
C CYS B 242 10.50 8.68 -2.01
N SER B 243 9.50 8.38 -1.19
CA SER B 243 8.20 9.05 -1.20
C SER B 243 8.14 10.28 -0.32
N SER B 244 9.26 10.72 0.21
CA SER B 244 9.37 11.96 0.98
C SER B 244 10.03 13.03 0.11
N ALA B 245 9.39 14.20 0.01
CA ALA B 245 9.99 15.29 -0.74
C ALA B 245 11.15 15.92 0.00
N THR B 246 11.19 15.82 1.32
CA THR B 246 12.21 16.51 2.09
C THR B 246 13.02 15.46 2.84
N VAL B 247 14.22 15.21 2.33
CA VAL B 247 15.12 14.22 2.92
C VAL B 247 16.50 14.87 3.06
N PRO B 248 17.15 14.74 4.21
CA PRO B 248 18.52 15.24 4.33
C PRO B 248 19.43 14.73 3.22
N LYS B 249 20.24 15.65 2.69
CA LYS B 249 21.05 15.34 1.52
C LYS B 249 22.01 14.20 1.82
N HIS B 250 22.55 14.17 3.05
CA HIS B 250 23.48 13.10 3.41
C HIS B 250 22.80 11.74 3.39
N MET B 251 21.50 11.71 3.72
CA MET B 251 20.80 10.44 3.72
C MET B 251 20.58 9.92 2.31
N LEU B 252 20.27 10.82 1.37
CA LEU B 252 20.03 10.39 0.00
C LEU B 252 21.30 9.86 -0.62
N ASP B 253 22.42 10.56 -0.39
CA ASP B 253 23.70 10.08 -0.89
C ASP B 253 24.03 8.73 -0.29
N LYS B 254 23.81 8.55 1.01
CA LYS B 254 24.15 7.28 1.62
C LYS B 254 23.20 6.19 1.13
N LEU B 255 21.90 6.52 0.97
CA LEU B 255 20.97 5.48 0.46
C LEU B 255 21.41 4.97 -0.91
N ASP B 256 21.81 5.88 -1.80
CA ASP B 256 22.25 5.45 -3.12
C ASP B 256 23.40 4.44 -3.02
N GLU B 257 24.35 4.68 -2.10
CA GLU B 257 25.45 3.72 -1.92
C GLU B 257 24.94 2.41 -1.34
N ILE B 258 24.03 2.48 -0.35
CA ILE B 258 23.55 1.28 0.30
C ILE B 258 22.90 0.37 -0.73
N LEU B 259 21.97 0.95 -1.49
CA LEU B 259 21.19 0.17 -2.45
C LEU B 259 22.05 -0.33 -3.59
N TYR B 260 23.02 0.49 -4.04
CA TYR B 260 23.93 0.05 -5.08
C TYR B 260 24.61 -1.26 -4.71
N TYR B 261 25.15 -1.34 -3.50
CA TYR B 261 25.88 -2.54 -3.12
C TYR B 261 24.92 -3.71 -2.88
N GLN B 262 23.68 -3.42 -2.49
CA GLN B 262 22.71 -4.50 -2.31
C GLN B 262 22.35 -5.08 -3.65
N ILE B 263 22.07 -4.23 -4.63
CA ILE B 263 21.73 -4.70 -5.97
C ILE B 263 22.93 -5.39 -6.59
N LYS B 264 24.14 -4.87 -6.34
CA LYS B 264 25.32 -5.52 -6.89
C LYS B 264 25.47 -6.95 -6.39
N THR B 265 25.15 -7.19 -5.12
CA THR B 265 25.42 -8.47 -4.50
C THR B 265 24.31 -9.47 -4.74
N LEU B 266 23.12 -8.98 -5.06
CA LEU B 266 21.97 -9.88 -5.23
C LEU B 266 22.26 -10.93 -6.29
N PRO B 267 21.97 -12.21 -6.02
CA PRO B 267 22.16 -13.21 -7.08
C PRO B 267 21.25 -12.91 -8.24
N GLU B 268 21.84 -12.90 -9.45
CA GLU B 268 21.09 -12.55 -10.64
C GLU B 268 19.83 -13.40 -10.76
N GLN B 269 19.90 -14.64 -10.28
CA GLN B 269 18.79 -15.58 -10.44
C GLN B 269 17.67 -15.41 -9.42
N TYR B 270 17.87 -14.60 -8.38
CA TYR B 270 16.82 -14.37 -7.38
C TYR B 270 16.14 -13.01 -7.52
N SER B 271 16.50 -12.23 -8.54
CA SER B 271 15.91 -10.91 -8.66
C SER B 271 14.40 -11.00 -8.85
N ASP B 272 13.92 -12.07 -9.49
CA ASP B 272 12.49 -12.22 -9.72
C ASP B 272 11.69 -12.22 -8.43
N ILE B 273 12.23 -12.81 -7.36
CA ILE B 273 11.48 -12.96 -6.11
C ILE B 273 11.91 -11.93 -5.06
N LEU B 274 13.12 -11.38 -5.16
CA LEU B 274 13.59 -10.45 -4.15
C LEU B 274 13.39 -8.98 -4.51
N LEU B 275 12.89 -8.65 -5.70
CA LEU B 275 12.72 -7.26 -6.08
C LEU B 275 11.28 -6.98 -6.49
N ASN B 276 10.68 -5.97 -5.85
CA ASN B 276 9.28 -5.65 -6.06
C ASN B 276 9.20 -4.63 -7.19
N GLU B 277 8.67 -5.06 -8.32
CA GLU B 277 8.60 -4.21 -9.51
C GLU B 277 8.01 -2.84 -9.20
N ARG B 278 6.90 -2.82 -8.45
CA ARG B 278 6.19 -1.56 -8.22
C ARG B 278 7.03 -0.57 -7.44
N VAL B 279 7.65 -1.04 -6.36
CA VAL B 279 8.43 -0.13 -5.54
C VAL B 279 9.61 0.45 -6.33
N TRP B 280 10.32 -0.40 -7.07
CA TRP B 280 11.53 0.07 -7.74
C TRP B 280 11.21 1.02 -8.88
N ASN B 281 10.19 0.68 -9.69
CA ASN B 281 9.80 1.62 -10.75
C ASN B 281 9.32 2.94 -10.17
N ILE B 282 8.51 2.88 -9.11
CA ILE B 282 8.09 4.13 -8.45
C ILE B 282 9.30 4.89 -7.94
N CYS B 283 10.21 4.19 -7.24
CA CYS B 283 11.30 4.89 -6.59
C CYS B 283 12.25 5.54 -7.61
N LEU B 284 12.59 4.81 -8.67
CA LEU B 284 13.55 5.30 -9.66
C LEU B 284 12.95 6.27 -10.68
N TYR B 285 11.65 6.22 -10.93
CA TYR B 285 11.09 6.93 -12.08
C TYR B 285 9.91 7.86 -11.77
N SER B 286 9.23 7.70 -10.65
CA SER B 286 8.07 8.53 -10.32
C SER B 286 8.23 9.35 -9.05
N SER B 287 9.07 8.90 -8.12
CA SER B 287 9.06 9.46 -6.78
C SER B 287 9.78 10.79 -6.73
N PHE B 288 9.67 11.45 -5.58
CA PHE B 288 10.36 12.70 -5.37
C PHE B 288 11.86 12.54 -5.58
N GLN B 289 12.38 11.35 -5.28
CA GLN B 289 13.82 11.10 -5.31
C GLN B 289 14.25 10.38 -6.59
N LYS B 290 13.39 10.40 -7.63
CA LYS B 290 13.67 9.72 -8.88
C LYS B 290 15.00 10.12 -9.50
N ASN B 291 15.52 11.31 -9.17
CA ASN B 291 16.74 11.83 -9.76
C ASN B 291 17.89 11.86 -8.77
N SER B 292 17.76 11.17 -7.64
CA SER B 292 18.69 11.29 -6.54
C SER B 292 19.48 10.01 -6.29
N LEU B 293 19.20 8.95 -7.04
CA LEU B 293 19.81 7.64 -6.79
C LEU B 293 20.56 7.23 -8.05
N HIS B 294 21.56 8.02 -8.44
CA HIS B 294 22.20 7.81 -9.74
C HIS B 294 22.90 6.46 -9.82
N ASN B 295 23.63 6.08 -8.76
CA ASN B 295 24.39 4.85 -8.84
C ASN B 295 23.46 3.65 -8.87
N THR B 296 22.40 3.70 -8.05
CA THR B 296 21.45 2.62 -7.96
C THR B 296 20.67 2.50 -9.26
N GLU B 297 20.23 3.62 -9.82
CA GLU B 297 19.51 3.59 -11.09
C GLU B 297 20.38 3.01 -12.18
N LYS B 298 21.67 3.39 -12.22
CA LYS B 298 22.53 2.87 -13.27
C LYS B 298 22.75 1.37 -13.15
N ILE B 299 22.95 0.83 -11.95
CA ILE B 299 23.19 -0.61 -11.86
C ILE B 299 21.89 -1.35 -12.10
N MET B 300 20.76 -0.82 -11.63
CA MET B 300 19.49 -1.50 -11.90
C MET B 300 19.20 -1.58 -13.39
N GLU B 301 19.37 -0.47 -14.11
CA GLU B 301 19.11 -0.48 -15.55
C GLU B 301 20.05 -1.42 -16.31
N ASN B 302 21.28 -1.63 -15.82
CA ASN B 302 22.21 -2.50 -16.55
C ASN B 302 22.15 -3.94 -16.12
N LYS B 303 21.61 -4.24 -14.94
CA LYS B 303 21.56 -5.61 -14.44
C LYS B 303 20.16 -6.21 -14.49
N TYR B 304 19.11 -5.40 -14.30
CA TYR B 304 17.75 -5.91 -14.26
C TYR B 304 16.81 -5.01 -15.07
N PRO B 305 17.11 -4.75 -16.35
CA PRO B 305 16.24 -3.87 -17.12
C PRO B 305 14.86 -4.47 -17.38
N GLU B 306 14.72 -5.78 -17.19
CA GLU B 306 13.43 -6.44 -17.39
C GLU B 306 12.42 -5.97 -16.35
N LEU B 307 12.85 -5.94 -15.08
CA LEU B 307 11.96 -5.48 -14.01
C LEU B 307 11.41 -4.10 -14.28
N LEU B 308 12.12 -3.29 -15.07
CA LEU B 308 11.70 -1.92 -15.32
C LEU B 308 11.19 -1.77 -16.75
N1 VU5 C . 14.51 1.00 16.81
C7 VU5 C . 15.85 1.25 16.96
O1 VU5 C . 12.90 -1.60 14.93
C1 VU5 C . 13.25 -1.33 17.21
C5 VU5 C . 14.68 2.22 18.83
C6 VU5 C . 16.05 2.10 18.17
C4 VU5 C . 13.72 1.37 17.98
C3 VU5 C . 13.97 0.44 15.60
C2 VU5 C . 12.90 -0.62 15.88
O VU5 C . 16.66 0.82 16.17
N VU5 C . 12.37 -2.56 17.36
C VU5 C . 13.14 -3.64 18.09
#